data_6N5S
#
_entry.id   6N5S
#
_cell.length_a   114.560
_cell.length_b   114.560
_cell.length_c   115.060
_cell.angle_alpha   90.000
_cell.angle_beta   90.000
_cell.angle_gamma   120.000
#
_symmetry.space_group_name_H-M   'P 31 2 1'
#
loop_
_entity.id
_entity.type
_entity.pdbx_description
1 polymer 'RNA (123-MER)'
2 non-polymer "GUANOSINE-5'-MONOPHOSPHATE"
3 non-polymer "(2R,3R,3aS,5R,7aR,9R,10R,10aS,12R,14aR)-2,9-bis(6-amino-9H-purin-9-yl)octahydro-2H,7H-difuro[3,2-d:3',2'-j][1,3,7,9,2,8 ]tetraoxadiphosphacyclododecine-3,5,10,12-tetrol 5,12-dioxide"
4 non-polymer 'MAGNESIUM ION'
5 non-polymer 'POTASSIUM ION'
6 non-polymer 'SULFATE ION'
7 water water
#
_entity_poly.entity_id   1
_entity_poly.type   'polyribonucleotide'
_entity_poly.pdbx_seq_one_letter_code
;(GTP)GUUGCCGAAUCCAAAGUUGGUACGGAGGAACCGCUUUUUGGGGUUAAUCUGCAGUGAAGCUGCAGUAGGGAUACC
UUCUGUCCCGCACCCGACAGCUAACUCCGGAGGCAAUAAAGGAAGGA
;
_entity_poly.pdbx_strand_id   A
#
loop_
_chem_comp.id
_chem_comp.type
_chem_comp.name
_chem_comp.formula
2BA non-polymer '(2R,3R,3aS,5R,7aR,9R,10R,10aS,12R,14aR)-2,9-bis(6-amino-9H-purin-9-yl)octahydro-2H,7H-difuro[3,2-d:3',2'-j][1,3,7,9,2,8 ]tetraoxadiphosphacyclododecine-3,5,10,12-tetrol 5,12-dioxide' 'C20 H24 N10 O12 P2'
5GP non-polymer GUANOSINE-5'-MONOPHOSPHATE 'C10 H14 N5 O8 P'
A RNA linking ADENOSINE-5'-MONOPHOSPHATE 'C10 H14 N5 O7 P'
C RNA linking CYTIDINE-5'-MONOPHOSPHATE 'C9 H14 N3 O8 P'
G RNA linking GUANOSINE-5'-MONOPHOSPHATE 'C10 H14 N5 O8 P'
GTP non-polymer GUANOSINE-5'-TRIPHOSPHATE 'C10 H16 N5 O14 P3'
K non-polymer 'POTASSIUM ION' 'K 1'
MG non-polymer 'MAGNESIUM ION' 'Mg 2'
SO4 non-polymer 'SULFATE ION' 'O4 S -2'
U RNA linking URIDINE-5'-MONOPHOSPHATE 'C9 H13 N2 O9 P'
#
# COMPACT_ATOMS: atom_id res chain seq x y z
O3B GTP A 1 6.85 -8.59 1.49
PB GTP A 1 5.34 -8.59 2.06
O1B GTP A 1 4.43 -7.92 1.06
O2B GTP A 1 5.30 -7.90 3.40
O3A GTP A 1 4.95 -10.15 2.17
PA GTP A 1 3.58 -10.61 2.86
O1A GTP A 1 2.46 -10.53 1.85
O2A GTP A 1 3.72 -12.02 3.40
O5' GTP A 1 3.31 -9.55 4.05
C5' GTP A 1 3.36 -9.94 5.40
C4' GTP A 1 2.47 -9.04 6.27
O4' GTP A 1 2.53 -7.70 5.80
C3' GTP A 1 1.01 -9.41 6.24
O3' GTP A 1 0.67 -10.39 7.20
C2' GTP A 1 0.33 -8.09 6.55
O2' GTP A 1 0.21 -7.90 7.94
C1' GTP A 1 1.30 -7.05 5.99
N9 GTP A 1 0.76 -6.63 4.68
C8 GTP A 1 1.37 -6.81 3.48
N7 GTP A 1 0.58 -6.30 2.50
C5 GTP A 1 -0.53 -5.78 3.08
C6 GTP A 1 -1.65 -5.14 2.55
O6 GTP A 1 -1.74 -4.96 1.34
N1 GTP A 1 -2.64 -4.72 3.40
C2 GTP A 1 -2.53 -4.92 4.76
N2 GTP A 1 -3.49 -4.51 5.58
N3 GTP A 1 -1.42 -5.56 5.27
C4 GTP A 1 -0.42 -5.98 4.45
P 5GP B . 6.92 -24.60 -8.83
O1P 5GP B . 7.12 -24.12 -7.45
O3P 5GP B . 7.74 -24.10 -9.93
O5' 5GP B . 5.41 -24.29 -9.23
C5' 5GP B . 4.35 -24.46 -8.30
C4' 5GP B . 3.00 -24.57 -8.99
O4' 5GP B . 2.91 -23.59 -10.06
C3' 5GP B . 2.69 -25.89 -9.69
O3' 5GP B . 2.24 -26.91 -8.80
C2' 5GP B . 1.66 -25.47 -10.72
O2' 5GP B . 0.39 -25.23 -10.13
C1' 5GP B . 2.22 -24.13 -11.16
N9 5GP B . 3.18 -24.29 -12.28
C8 5GP B . 4.54 -24.44 -12.19
N7 5GP B . 5.15 -24.54 -13.34
C5 5GP B . 4.11 -24.46 -14.26
C6 5GP B . 4.15 -24.51 -15.67
O6 5GP B . 5.15 -24.65 -16.40
N1 5GP B . 2.87 -24.39 -16.21
C2 5GP B . 1.71 -24.22 -15.48
N2 5GP B . 0.57 -24.11 -16.20
N3 5GP B . 1.66 -24.17 -14.15
C4 5GP B . 2.89 -24.30 -13.62
P 2BA C . -9.95 1.69 -11.40
O1P 2BA C . -8.52 1.22 -11.60
O2P 2BA C . -10.94 1.58 -12.53
O5' 2BA C . -10.55 0.93 -10.12
C5' 2BA C . -11.96 0.83 -9.95
C4' 2BA C . -12.29 0.09 -8.65
O4' 2BA C . -12.24 -1.31 -8.92
C3' 2BA C . -11.30 0.35 -7.53
O3' 2BA C . -11.83 1.23 -6.55
C2' 2BA C . -11.04 -1.00 -6.90
O2' 2BA C . -11.78 -1.11 -5.68
C1' 2BA C . -11.56 -2.02 -7.89
N9 2BA C . -10.42 -2.78 -8.49
C8 2BA C . -9.44 -2.26 -9.26
N7 2BA C . -8.55 -3.21 -9.63
C5 2BA C . -8.96 -4.37 -9.09
C6 2BA C . -8.48 -5.78 -9.11
N6 2BA C . -7.36 -6.14 -9.78
N1 2BA C . -9.21 -6.69 -8.42
C2 2BA C . -10.32 -6.35 -7.75
N3 2BA C . -10.81 -5.10 -7.70
C4 2BA C . -10.19 -4.08 -8.34
P1 2BA C . -10.89 2.39 -5.94
O1P1 2BA C . -9.75 1.73 -5.21
O2P1 2BA C . -11.77 3.39 -5.24
O5'1 2BA C . -10.31 3.03 -7.30
C5'1 2BA C . -10.77 4.30 -7.77
C4'1 2BA C . -9.95 4.71 -8.98
O4'1 2BA C . -8.94 5.62 -8.58
C3'1 2BA C . -9.26 3.55 -9.68
O3'1 2BA C . -9.91 3.21 -10.90
C2'1 2BA C . -7.87 4.04 -10.01
O2'1 2BA C . -7.81 4.37 -11.40
C1'1 2BA C . -7.68 5.30 -9.17
N91 2BA C . -6.69 5.00 -8.11
C81 2BA C . -6.81 4.04 -7.18
N71 2BA C . -5.73 4.02 -6.35
C51 2BA C . -4.89 4.99 -6.77
C61 2BA C . -3.58 5.51 -6.35
N61 2BA C . -2.93 4.97 -5.29
N11 2BA C . -3.06 6.54 -7.05
C21 2BA C . -3.70 7.08 -8.11
N31 2BA C . -4.90 6.65 -8.55
C41 2BA C . -5.53 5.63 -7.93
P 2BA D . 3.47 14.01 13.84
O1P 2BA D . 4.69 13.57 13.08
O2P 2BA D . 3.56 14.42 15.29
O5' 2BA D . 2.78 15.20 13.02
C5' 2BA D . 1.95 16.16 13.68
C4' 2BA D . 1.44 17.16 12.65
O4' 2BA D . 2.42 18.17 12.49
C3' 2BA D . 1.24 16.53 11.27
O3' 2BA D . -0.14 16.36 11.00
C2' 2BA D . 1.80 17.53 10.29
O2' 2BA D . 0.71 18.20 9.65
C1' 2BA D . 2.59 18.53 11.12
N9 2BA D . 4.03 18.39 10.79
C8 2BA D . 4.80 17.32 11.03
N7 2BA D . 6.07 17.53 10.59
C5 2BA D . 6.12 18.77 10.08
C6 2BA D . 7.16 19.63 9.46
N6 2BA D . 8.43 19.18 9.31
N1 2BA D . 6.78 20.86 9.07
C2 2BA D . 5.52 21.32 9.21
N3 2BA D . 4.53 20.59 9.77
C4 2BA D . 4.77 19.33 10.21
P1 2BA D . -0.60 15.05 10.20
O1P1 2BA D . 0.01 15.09 8.82
O2P1 2BA D . -2.09 14.90 10.38
O5'1 2BA D . 0.15 13.91 11.04
C5'1 2BA D . -0.56 13.16 12.01
C4'1 2BA D . 0.38 12.08 12.55
O4'1 2BA D . 0.21 10.90 11.78
C3'1 2BA D . 1.84 12.48 12.45
O3'1 2BA D . 2.36 12.85 13.71
C2'1 2BA D . 2.56 11.22 12.01
O2'1 2BA D . 3.24 10.66 13.15
C1'1 2BA D . 1.48 10.28 11.54
N91 2BA D . 1.64 10.11 10.07
C81 2BA D . 1.62 11.09 9.15
N71 2BA D . 1.83 10.60 7.91
C51 2BA D . 1.98 9.27 8.03
C61 2BA D . 2.21 8.14 7.11
N61 2BA D . 2.33 8.34 5.78
N11 2BA D . 2.31 6.90 7.64
C21 2BA D . 2.19 6.69 8.96
N31 2BA D . 1.98 7.66 9.86
C41 2BA D . 1.86 8.95 9.46
MG MG E . 14.79 18.22 9.41
MG MG F . 10.11 13.11 2.83
K K G . 0.01 -10.06 10.66
MG MG H . 18.32 22.71 11.04
MG MG I . 0.24 -0.85 -5.74
S SO4 J . 23.60 11.82 4.78
O1 SO4 J . 22.76 11.92 3.59
O2 SO4 J . 23.24 10.63 5.54
O3 SO4 J . 25.01 11.74 4.39
O4 SO4 J . 23.40 13.02 5.61
MG MG K . -7.38 -5.05 2.74
#